data_5U8P
#
_entry.id   5U8P
#
_cell.length_a   92.160
_cell.length_b   103.080
_cell.length_c   87.000
_cell.angle_alpha   90.000
_cell.angle_beta   120.680
_cell.angle_gamma   90.000
#
_symmetry.space_group_name_H-M   'C 1 2 1'
#
loop_
_entity.id
_entity.type
_entity.pdbx_description
1 polymer 'Short chain dehydrogenase'
2 non-polymer NICOTINAMIDE-ADENINE-DINUCLEOTIDE
3 non-polymer 'MAGNESIUM ION'
4 water water
#
_entity_poly.entity_id   1
_entity_poly.type   'polypeptide(L)'
_entity_poly.pdbx_seq_one_letter_code
;MAHHHHHHMAVDAPPAAQGLTNPVDLYPKPPFPHQVQAPPGLASRMQPRPDHGEQSYRGRGRLVGRKTLVTGGDSGIGRA
AAIAFAREGADVAIGYLPVEESDAREVVALIRAAGRQAVALPGDIRDETFCQRLVARAAEALGGLDILVNNAARQQALDS
IGEMTTEHFDATVKTNLYGMFWITKAAIPHLPPGASIINTTSVQAVRASANLLDYATTKAGIIAFTRSLAKQLGPRGIRV
NAVAPGPYWTPLQSSGGQPPETVVNYAAGSPYGRPGQPAEIAPLYVALAASETSYANGQVWGADGGLGIF
;
_entity_poly.pdbx_strand_id   A,B
#
loop_
_chem_comp.id
_chem_comp.type
_chem_comp.name
_chem_comp.formula
MG non-polymer 'MAGNESIUM ION' 'Mg 2'
NAD non-polymer NICOTINAMIDE-ADENINE-DINUCLEOTIDE 'C21 H27 N7 O14 P2'
#
# COMPACT_ATOMS: atom_id res chain seq x y z
N GLY A 19 12.52 -3.56 17.05
CA GLY A 19 13.83 -3.16 16.58
C GLY A 19 13.94 -3.11 15.06
N LEU A 20 15.07 -2.61 14.58
CA LEU A 20 15.34 -2.53 13.15
C LEU A 20 15.96 -3.84 12.69
N THR A 21 15.54 -4.30 11.51
CA THR A 21 16.11 -5.49 10.89
CA THR A 21 16.12 -5.49 10.90
C THR A 21 16.50 -5.16 9.46
N ASN A 22 17.68 -5.62 9.04
CA ASN A 22 18.13 -5.39 7.67
C ASN A 22 17.34 -6.30 6.74
N PRO A 23 16.52 -5.75 5.83
CA PRO A 23 15.75 -6.62 4.93
C PRO A 23 16.60 -7.40 3.94
N VAL A 24 17.83 -6.96 3.64
CA VAL A 24 18.60 -7.60 2.58
C VAL A 24 18.82 -9.08 2.86
N ASP A 25 19.30 -9.40 4.06
CA ASP A 25 19.67 -10.77 4.37
CA ASP A 25 19.71 -10.73 4.45
C ASP A 25 18.69 -11.43 5.34
N LEU A 26 17.46 -10.93 5.39
CA LEU A 26 16.44 -11.50 6.26
C LEU A 26 15.96 -12.87 5.77
N TYR A 27 16.12 -13.13 4.47
CA TYR A 27 15.61 -14.33 3.83
C TYR A 27 16.63 -14.87 2.84
N PRO A 28 16.47 -16.09 2.34
CA PRO A 28 17.51 -16.71 1.52
C PRO A 28 17.73 -16.03 0.17
N LYS A 29 18.97 -16.11 -0.29
CA LYS A 29 19.37 -15.56 -1.58
C LYS A 29 19.85 -16.65 -2.53
N PRO A 30 19.72 -16.44 -3.84
CA PRO A 30 20.25 -17.42 -4.82
C PRO A 30 21.76 -17.52 -4.73
N PRO A 31 22.35 -18.58 -5.31
CA PRO A 31 21.68 -19.62 -6.12
C PRO A 31 20.91 -20.63 -5.31
N PHE A 32 19.78 -21.05 -5.85
CA PHE A 32 18.95 -22.10 -5.29
C PHE A 32 19.19 -23.39 -6.06
N PRO A 33 18.91 -24.54 -5.46
CA PRO A 33 19.10 -25.81 -6.18
C PRO A 33 18.23 -25.89 -7.42
N HIS A 34 18.75 -26.58 -8.43
CA HIS A 34 17.95 -26.93 -9.61
C HIS A 34 16.75 -27.72 -9.14
N GLN A 35 15.55 -27.26 -9.51
CA GLN A 35 14.33 -27.86 -9.01
C GLN A 35 13.18 -27.55 -9.97
N VAL A 36 12.32 -28.53 -10.20
CA VAL A 36 11.17 -28.43 -11.10
CA VAL A 36 11.14 -28.36 -11.03
C VAL A 36 10.05 -29.29 -10.52
N GLN A 37 8.80 -28.85 -10.67
CA GLN A 37 7.64 -29.64 -10.29
C GLN A 37 6.58 -29.51 -11.38
N ALA A 38 5.65 -30.46 -11.41
CA ALA A 38 4.46 -30.29 -12.24
C ALA A 38 3.52 -29.28 -11.57
N PRO A 39 2.85 -28.43 -12.34
CA PRO A 39 1.94 -27.45 -11.73
C PRO A 39 0.70 -28.14 -11.19
N PRO A 40 0.08 -27.59 -10.14
CA PRO A 40 0.43 -26.31 -9.50
C PRO A 40 1.59 -26.37 -8.51
N GLY A 41 2.09 -27.58 -8.22
CA GLY A 41 3.24 -27.75 -7.35
C GLY A 41 2.87 -27.69 -5.88
N LEU A 42 3.84 -28.02 -5.03
CA LEU A 42 3.70 -27.98 -3.58
C LEU A 42 4.78 -27.11 -2.97
N ALA A 43 4.41 -26.28 -2.00
CA ALA A 43 5.41 -25.48 -1.29
C ALA A 43 6.41 -26.38 -0.57
N SER A 44 5.95 -27.53 -0.08
CA SER A 44 6.79 -28.38 0.74
C SER A 44 7.92 -29.02 -0.06
N ARG A 45 7.85 -28.99 -1.40
CA ARG A 45 8.91 -29.56 -2.23
C ARG A 45 9.91 -28.52 -2.73
N MET A 46 9.69 -27.25 -2.42
CA MET A 46 10.68 -26.26 -2.81
C MET A 46 11.90 -26.32 -1.91
N GLN A 47 13.03 -25.87 -2.45
CA GLN A 47 14.32 -25.88 -1.75
C GLN A 47 14.91 -24.48 -1.87
N PRO A 48 14.88 -23.68 -0.80
CA PRO A 48 14.39 -24.03 0.54
C PRO A 48 12.88 -23.97 0.64
N ARG A 49 12.34 -24.47 1.75
CA ARG A 49 10.91 -24.36 2.00
CA ARG A 49 10.91 -24.35 1.93
C ARG A 49 10.55 -22.89 2.16
N PRO A 50 9.47 -22.41 1.55
CA PRO A 50 9.13 -20.98 1.66
C PRO A 50 8.67 -20.64 3.06
N ASP A 51 8.83 -19.36 3.40
CA ASP A 51 8.34 -18.83 4.67
C ASP A 51 7.08 -18.02 4.37
N HIS A 52 5.94 -18.52 4.84
CA HIS A 52 4.65 -17.85 4.71
C HIS A 52 4.27 -17.08 5.97
N GLY A 53 5.19 -16.93 6.93
CA GLY A 53 4.90 -16.27 8.20
C GLY A 53 4.43 -17.20 9.29
N GLU A 54 4.59 -18.52 9.10
CA GLU A 54 4.13 -19.49 10.09
C GLU A 54 4.64 -19.18 11.49
N GLN A 55 5.91 -18.77 11.61
CA GLN A 55 6.47 -18.41 12.91
CA GLN A 55 6.46 -18.41 12.92
C GLN A 55 6.48 -16.92 13.18
N SER A 56 6.67 -16.09 12.16
CA SER A 56 6.93 -14.67 12.38
C SER A 56 5.69 -13.80 12.50
N TYR A 57 4.56 -14.16 11.89
CA TYR A 57 3.45 -13.20 11.82
C TYR A 57 2.71 -13.17 13.15
N ARG A 58 2.65 -11.99 13.78
CA ARG A 58 1.94 -11.81 15.05
C ARG A 58 0.74 -10.92 14.81
N GLY A 59 -0.45 -11.42 15.11
CA GLY A 59 -1.65 -10.64 14.99
C GLY A 59 -1.83 -9.62 16.11
N ARG A 60 -2.65 -8.60 15.82
CA ARG A 60 -2.87 -7.47 16.72
C ARG A 60 -4.33 -7.05 16.72
N GLY A 61 -5.24 -7.99 16.45
CA GLY A 61 -6.66 -7.71 16.49
C GLY A 61 -7.16 -6.76 15.43
N ARG A 62 -6.57 -6.80 14.22
CA ARG A 62 -6.90 -5.81 13.20
C ARG A 62 -8.10 -6.19 12.35
N LEU A 63 -8.57 -7.45 12.42
CA LEU A 63 -9.65 -7.94 11.55
C LEU A 63 -10.60 -8.85 12.33
N VAL A 64 -10.88 -8.50 13.59
CA VAL A 64 -11.62 -9.43 14.46
C VAL A 64 -13.02 -9.67 13.92
N GLY A 65 -13.36 -10.95 13.76
CA GLY A 65 -14.69 -11.32 13.32
C GLY A 65 -14.94 -11.18 11.84
N ARG A 66 -13.94 -10.77 11.06
CA ARG A 66 -14.13 -10.72 9.61
C ARG A 66 -14.29 -12.13 9.04
N LYS A 67 -14.82 -12.20 7.83
CA LYS A 67 -15.21 -13.47 7.21
C LYS A 67 -14.59 -13.47 5.82
N THR A 68 -13.59 -14.35 5.60
CA THR A 68 -12.72 -14.19 4.45
CA THR A 68 -12.67 -14.22 4.48
C THR A 68 -12.73 -15.44 3.57
N LEU A 69 -12.58 -15.21 2.26
CA LEU A 69 -12.37 -16.27 1.27
C LEU A 69 -11.12 -15.92 0.47
N VAL A 70 -10.12 -16.81 0.47
CA VAL A 70 -8.85 -16.60 -0.25
C VAL A 70 -8.71 -17.74 -1.25
N THR A 71 -8.74 -17.42 -2.55
CA THR A 71 -8.43 -18.47 -3.53
C THR A 71 -6.93 -18.67 -3.63
N GLY A 72 -6.51 -19.91 -3.89
CA GLY A 72 -5.09 -20.21 -3.80
C GLY A 72 -4.52 -19.99 -2.41
N GLY A 73 -5.28 -20.34 -1.35
CA GLY A 73 -4.85 -20.11 0.01
C GLY A 73 -4.03 -21.21 0.62
N ASP A 74 -3.70 -22.23 -0.16
CA ASP A 74 -2.95 -23.41 0.30
C ASP A 74 -1.45 -23.17 0.35
N SER A 75 -0.92 -22.24 -0.46
CA SER A 75 0.51 -22.07 -0.65
C SER A 75 0.78 -20.61 -1.02
N GLY A 76 2.06 -20.23 -0.95
CA GLY A 76 2.49 -18.94 -1.52
C GLY A 76 1.85 -17.73 -0.85
N ILE A 77 1.61 -16.71 -1.68
CA ILE A 77 1.08 -15.43 -1.20
C ILE A 77 -0.29 -15.61 -0.53
N GLY A 78 -1.15 -16.44 -1.13
CA GLY A 78 -2.47 -16.66 -0.54
C GLY A 78 -2.41 -17.29 0.84
N ARG A 79 -1.49 -18.25 1.01
CA ARG A 79 -1.26 -18.85 2.32
C ARG A 79 -0.78 -17.82 3.33
N ALA A 80 0.18 -16.97 2.93
CA ALA A 80 0.62 -15.91 3.85
C ALA A 80 -0.53 -14.99 4.25
N ALA A 81 -1.38 -14.61 3.28
CA ALA A 81 -2.55 -13.79 3.61
C ALA A 81 -3.51 -14.52 4.55
N ALA A 82 -3.79 -15.81 4.28
CA ALA A 82 -4.70 -16.58 5.12
C ALA A 82 -4.19 -16.67 6.57
N ILE A 83 -2.89 -16.94 6.74
CA ILE A 83 -2.31 -17.01 8.09
C ILE A 83 -2.47 -15.68 8.79
N ALA A 84 -2.15 -14.57 8.09
CA ALA A 84 -2.24 -13.25 8.72
C ALA A 84 -3.69 -12.90 9.06
N PHE A 85 -4.61 -13.15 8.13
CA PHE A 85 -6.02 -12.88 8.40
C PHE A 85 -6.49 -13.62 9.65
N ALA A 86 -6.19 -14.92 9.74
CA ALA A 86 -6.62 -15.68 10.92
C ALA A 86 -6.00 -15.10 12.20
N ARG A 87 -4.71 -14.76 12.15
CA ARG A 87 -4.07 -14.22 13.34
C ARG A 87 -4.56 -12.83 13.72
N GLU A 88 -5.13 -12.09 12.78
CA GLU A 88 -5.77 -10.80 13.06
C GLU A 88 -7.21 -10.95 13.50
N GLY A 89 -7.70 -12.18 13.66
CA GLY A 89 -9.01 -12.43 14.21
C GLY A 89 -10.09 -12.80 13.22
N ALA A 90 -9.76 -13.04 11.95
CA ALA A 90 -10.76 -13.35 10.93
C ALA A 90 -10.92 -14.86 10.75
N ASP A 91 -12.14 -15.28 10.42
CA ASP A 91 -12.37 -16.64 9.96
C ASP A 91 -12.03 -16.73 8.47
N VAL A 92 -11.49 -17.87 8.04
CA VAL A 92 -10.87 -17.98 6.72
C VAL A 92 -11.30 -19.25 5.99
N ALA A 93 -11.91 -19.10 4.81
CA ALA A 93 -12.09 -20.18 3.86
C ALA A 93 -11.01 -20.06 2.80
N ILE A 94 -10.45 -21.20 2.38
CA ILE A 94 -9.43 -21.25 1.34
C ILE A 94 -9.89 -22.12 0.17
N GLY A 95 -9.67 -21.62 -1.05
CA GLY A 95 -9.73 -22.43 -2.24
C GLY A 95 -8.36 -22.92 -2.63
N TYR A 96 -8.33 -24.03 -3.36
CA TYR A 96 -7.10 -24.65 -3.87
C TYR A 96 -7.52 -25.80 -4.77
N LEU A 97 -6.51 -26.45 -5.41
CA LEU A 97 -6.84 -27.61 -6.24
C LEU A 97 -6.63 -28.90 -5.45
N PRO A 98 -7.45 -29.93 -5.69
CA PRO A 98 -7.34 -31.17 -4.89
C PRO A 98 -5.94 -31.75 -4.74
N VAL A 99 -5.09 -31.69 -5.77
CA VAL A 99 -3.72 -32.23 -5.66
C VAL A 99 -2.87 -31.50 -4.63
N GLU A 100 -3.32 -30.33 -4.14
CA GLU A 100 -2.56 -29.54 -3.18
C GLU A 100 -2.98 -29.79 -1.75
N GLU A 101 -3.73 -30.87 -1.49
CA GLU A 101 -4.28 -31.13 -0.16
C GLU A 101 -3.21 -31.12 0.92
N SER A 102 -2.01 -31.63 0.65
CA SER A 102 -0.99 -31.68 1.69
C SER A 102 -0.52 -30.30 2.12
N ASP A 103 -0.47 -29.32 1.19
CA ASP A 103 -0.23 -27.92 1.57
C ASP A 103 -1.45 -27.34 2.28
N ALA A 104 -2.64 -27.59 1.73
CA ALA A 104 -3.85 -26.94 2.26
C ALA A 104 -4.13 -27.36 3.70
N ARG A 105 -3.93 -28.63 4.04
CA ARG A 105 -4.26 -29.06 5.40
CA ARG A 105 -4.22 -29.08 5.40
C ARG A 105 -3.39 -28.35 6.43
N GLU A 106 -2.16 -27.97 6.05
CA GLU A 106 -1.31 -27.22 6.97
C GLU A 106 -1.91 -25.84 7.25
N VAL A 107 -2.48 -25.19 6.23
CA VAL A 107 -3.08 -23.87 6.40
C VAL A 107 -4.34 -23.97 7.25
N VAL A 108 -5.17 -25.00 7.01
CA VAL A 108 -6.33 -25.24 7.86
C VAL A 108 -5.90 -25.37 9.31
N ALA A 109 -4.82 -26.11 9.56
CA ALA A 109 -4.34 -26.27 10.94
C ALA A 109 -3.85 -24.93 11.52
N LEU A 110 -3.16 -24.12 10.71
CA LEU A 110 -2.69 -22.81 11.19
C LEU A 110 -3.85 -21.88 11.52
N ILE A 111 -4.89 -21.87 10.69
CA ILE A 111 -6.07 -21.04 10.98
C ILE A 111 -6.71 -21.47 12.31
N ARG A 112 -6.89 -22.79 12.48
CA ARG A 112 -7.47 -23.29 13.73
C ARG A 112 -6.59 -23.04 14.93
N ALA A 113 -5.25 -23.08 14.76
CA ALA A 113 -4.35 -22.81 15.87
C ALA A 113 -4.42 -21.35 16.31
N ALA A 114 -4.82 -20.45 15.42
CA ALA A 114 -5.09 -19.06 15.76
C ALA A 114 -6.45 -18.88 16.41
N GLY A 115 -7.19 -19.97 16.64
CA GLY A 115 -8.47 -19.88 17.30
C GLY A 115 -9.64 -19.50 16.41
N ARG A 116 -9.48 -19.54 15.08
CA ARG A 116 -10.54 -19.13 14.17
C ARG A 116 -11.05 -20.34 13.40
N GLN A 117 -12.16 -20.12 12.69
CA GLN A 117 -12.76 -21.16 11.86
C GLN A 117 -12.03 -21.23 10.51
N ALA A 118 -11.69 -22.45 10.10
CA ALA A 118 -11.11 -22.73 8.79
C ALA A 118 -12.11 -23.52 7.95
N VAL A 119 -12.19 -23.18 6.66
CA VAL A 119 -13.07 -23.88 5.71
C VAL A 119 -12.23 -24.25 4.50
N ALA A 120 -12.14 -25.53 4.18
CA ALA A 120 -11.38 -26.01 3.03
C ALA A 120 -12.33 -26.25 1.86
N LEU A 121 -12.10 -25.55 0.74
CA LEU A 121 -13.00 -25.58 -0.43
C LEU A 121 -12.22 -25.85 -1.72
N PRO A 122 -11.70 -27.07 -1.89
CA PRO A 122 -10.98 -27.38 -3.13
C PRO A 122 -11.90 -27.46 -4.34
N GLY A 123 -11.36 -27.04 -5.48
CA GLY A 123 -12.03 -27.18 -6.76
C GLY A 123 -11.45 -26.22 -7.77
N ASP A 124 -11.82 -26.44 -9.03
CA ASP A 124 -11.21 -25.78 -10.19
C ASP A 124 -12.04 -24.56 -10.58
N ILE A 125 -11.44 -23.37 -10.44
CA ILE A 125 -12.18 -22.12 -10.70
C ILE A 125 -12.38 -21.82 -12.19
N ARG A 126 -11.85 -22.65 -13.09
CA ARG A 126 -12.23 -22.53 -14.49
C ARG A 126 -13.64 -23.04 -14.74
N ASP A 127 -14.25 -23.71 -13.75
CA ASP A 127 -15.60 -24.25 -13.83
C ASP A 127 -16.54 -23.23 -13.20
N GLU A 128 -17.40 -22.63 -14.04
CA GLU A 128 -18.31 -21.59 -13.57
C GLU A 128 -19.21 -22.08 -12.43
N THR A 129 -19.74 -23.31 -12.54
CA THR A 129 -20.59 -23.80 -11.47
CA THR A 129 -20.59 -23.83 -11.48
C THR A 129 -19.81 -23.99 -10.18
N PHE A 130 -18.55 -24.43 -10.28
CA PHE A 130 -17.75 -24.52 -9.06
C PHE A 130 -17.56 -23.14 -8.42
N CYS A 131 -17.29 -22.12 -9.22
CA CYS A 131 -17.13 -20.78 -8.67
C CYS A 131 -18.36 -20.37 -7.88
N GLN A 132 -19.54 -20.68 -8.40
CA GLN A 132 -20.77 -20.33 -7.68
C GLN A 132 -20.88 -21.11 -6.38
N ARG A 133 -20.55 -22.41 -6.42
CA ARG A 133 -20.61 -23.24 -5.21
C ARG A 133 -19.58 -22.80 -4.19
N LEU A 134 -18.39 -22.41 -4.65
CA LEU A 134 -17.32 -21.97 -3.76
C LEU A 134 -17.79 -20.80 -2.90
N VAL A 135 -18.39 -19.80 -3.53
CA VAL A 135 -18.85 -18.61 -2.81
C VAL A 135 -20.03 -18.98 -1.89
N ALA A 136 -20.99 -19.75 -2.40
CA ALA A 136 -22.15 -20.11 -1.59
C ALA A 136 -21.73 -20.91 -0.36
N ARG A 137 -20.81 -21.85 -0.53
CA ARG A 137 -20.38 -22.68 0.60
C ARG A 137 -19.53 -21.90 1.59
N ALA A 138 -18.65 -21.01 1.11
CA ALA A 138 -17.88 -20.18 2.01
C ALA A 138 -18.79 -19.30 2.87
N ALA A 139 -19.75 -18.62 2.23
CA ALA A 139 -20.64 -17.72 2.98
C ALA A 139 -21.50 -18.50 3.96
N GLU A 140 -21.99 -19.68 3.56
CA GLU A 140 -22.80 -20.49 4.46
C GLU A 140 -21.99 -20.95 5.67
N ALA A 141 -20.76 -21.40 5.43
CA ALA A 141 -19.94 -21.94 6.52
C ALA A 141 -19.51 -20.85 7.49
N LEU A 142 -19.16 -19.67 6.96
CA LEU A 142 -18.65 -18.56 7.77
C LEU A 142 -19.74 -17.71 8.37
N GLY A 143 -20.99 -17.86 7.94
CA GLY A 143 -22.04 -16.99 8.41
C GLY A 143 -22.03 -15.63 7.77
N GLY A 144 -21.54 -15.53 6.54
CA GLY A 144 -21.40 -14.28 5.84
C GLY A 144 -20.09 -14.22 5.09
N LEU A 145 -19.80 -13.08 4.44
CA LEU A 145 -18.58 -12.91 3.68
C LEU A 145 -18.29 -11.41 3.58
N ASP A 146 -17.08 -11.00 3.94
CA ASP A 146 -16.75 -9.58 3.87
C ASP A 146 -15.30 -9.27 3.52
N ILE A 147 -14.46 -10.27 3.26
CA ILE A 147 -13.18 -10.08 2.57
C ILE A 147 -13.08 -11.16 1.50
N LEU A 148 -12.95 -10.76 0.24
CA LEU A 148 -12.72 -11.71 -0.84
C LEU A 148 -11.37 -11.43 -1.46
N VAL A 149 -10.51 -12.45 -1.53
CA VAL A 149 -9.18 -12.30 -2.15
C VAL A 149 -9.11 -13.23 -3.36
N ASN A 150 -9.09 -12.64 -4.56
CA ASN A 150 -8.95 -13.39 -5.81
C ASN A 150 -7.45 -13.49 -6.07
N ASN A 151 -6.87 -14.62 -5.66
CA ASN A 151 -5.43 -14.79 -5.66
C ASN A 151 -4.94 -15.98 -6.50
N ALA A 152 -5.78 -16.98 -6.74
CA ALA A 152 -5.37 -18.12 -7.57
C ALA A 152 -4.93 -17.65 -8.97
N ALA A 153 -3.95 -18.35 -9.54
CA ALA A 153 -3.54 -18.04 -10.91
C ALA A 153 -2.85 -19.23 -11.57
N ARG A 154 -2.94 -19.26 -12.90
CA ARG A 154 -2.10 -20.10 -13.74
CA ARG A 154 -2.10 -20.11 -13.75
C ARG A 154 -1.01 -19.25 -14.39
N GLN A 155 0.22 -19.77 -14.42
CA GLN A 155 1.36 -19.08 -15.03
C GLN A 155 2.24 -20.15 -15.66
N GLN A 156 2.30 -20.19 -16.99
CA GLN A 156 3.11 -21.19 -17.69
C GLN A 156 3.91 -20.48 -18.78
N ALA A 157 5.20 -20.30 -18.54
CA ALA A 157 6.07 -19.59 -19.47
C ALA A 157 6.24 -20.36 -20.78
N LEU A 158 6.25 -19.63 -21.88
CA LEU A 158 6.51 -20.20 -23.21
C LEU A 158 7.32 -19.19 -24.00
N ASP A 159 8.37 -19.65 -24.69
CA ASP A 159 9.26 -18.73 -25.38
C ASP A 159 8.67 -18.16 -26.66
N SER A 160 7.63 -18.77 -27.24
CA SER A 160 7.12 -18.32 -28.52
C SER A 160 5.62 -18.54 -28.61
N ILE A 161 4.95 -17.65 -29.33
CA ILE A 161 3.50 -17.79 -29.53
C ILE A 161 3.21 -19.03 -30.39
N GLY A 162 4.16 -19.45 -31.22
CA GLY A 162 3.98 -20.68 -31.99
C GLY A 162 3.77 -21.91 -31.12
N GLU A 163 4.34 -21.91 -29.90
CA GLU A 163 4.17 -22.99 -28.94
C GLU A 163 2.88 -22.88 -28.15
N MET A 164 2.23 -21.72 -28.16
CA MET A 164 1.06 -21.48 -27.33
C MET A 164 -0.17 -21.96 -28.06
N THR A 165 -0.69 -23.12 -27.66
CA THR A 165 -1.94 -23.61 -28.21
C THR A 165 -3.11 -22.82 -27.65
N THR A 166 -4.26 -22.93 -28.32
CA THR A 166 -5.49 -22.35 -27.77
C THR A 166 -5.75 -22.87 -26.35
N GLU A 167 -5.46 -24.15 -26.12
CA GLU A 167 -5.65 -24.73 -24.80
C GLU A 167 -4.77 -24.04 -23.74
N HIS A 168 -3.53 -23.71 -24.09
CA HIS A 168 -2.65 -22.97 -23.16
CA HIS A 168 -2.67 -22.98 -23.14
C HIS A 168 -3.24 -21.60 -22.85
N PHE A 169 -3.56 -20.83 -23.90
CA PHE A 169 -4.08 -19.47 -23.74
C PHE A 169 -5.39 -19.49 -22.96
N ASP A 170 -6.31 -20.38 -23.35
CA ASP A 170 -7.60 -20.49 -22.69
C ASP A 170 -7.44 -20.87 -21.22
N ALA A 171 -6.53 -21.79 -20.89
CA ALA A 171 -6.38 -22.16 -19.48
C ALA A 171 -5.94 -20.96 -18.64
N THR A 172 -5.02 -20.14 -19.17
CA THR A 172 -4.57 -18.98 -18.41
C THR A 172 -5.69 -17.95 -18.27
N VAL A 173 -6.41 -17.67 -19.37
CA VAL A 173 -7.47 -16.66 -19.34
C VAL A 173 -8.65 -17.13 -18.51
N LYS A 174 -9.02 -18.41 -18.62
CA LYS A 174 -10.14 -18.92 -17.82
C LYS A 174 -9.82 -18.90 -16.32
N THR A 175 -8.58 -19.21 -15.95
CA THR A 175 -8.24 -19.20 -14.52
C THR A 175 -8.19 -17.76 -14.00
N ASN A 176 -7.50 -16.89 -14.73
CA ASN A 176 -7.08 -15.61 -14.16
C ASN A 176 -8.09 -14.50 -14.40
N LEU A 177 -8.89 -14.60 -15.46
CA LEU A 177 -9.94 -13.61 -15.73
C LEU A 177 -11.33 -14.16 -15.49
N TYR A 178 -11.71 -15.28 -16.12
CA TYR A 178 -13.09 -15.76 -15.94
C TYR A 178 -13.34 -16.20 -14.50
N GLY A 179 -12.41 -16.93 -13.89
CA GLY A 179 -12.61 -17.36 -12.51
C GLY A 179 -12.83 -16.19 -11.57
N MET A 180 -12.00 -15.15 -11.71
CA MET A 180 -12.18 -13.92 -10.93
C MET A 180 -13.54 -13.30 -11.18
N PHE A 181 -13.93 -13.21 -12.46
CA PHE A 181 -15.25 -12.65 -12.78
C PHE A 181 -16.37 -13.43 -12.11
N TRP A 182 -16.37 -14.76 -12.27
CA TRP A 182 -17.47 -15.57 -11.74
C TRP A 182 -17.53 -15.52 -10.21
N ILE A 183 -16.36 -15.63 -9.55
CA ILE A 183 -16.33 -15.61 -8.09
C ILE A 183 -16.78 -14.25 -7.57
N THR A 184 -16.29 -13.17 -8.19
CA THR A 184 -16.61 -11.82 -7.74
C THR A 184 -18.11 -11.55 -7.93
N LYS A 185 -18.64 -11.91 -9.10
CA LYS A 185 -20.07 -11.72 -9.35
CA LYS A 185 -20.07 -11.71 -9.34
C LYS A 185 -20.93 -12.46 -8.32
N ALA A 186 -20.56 -13.70 -8.01
CA ALA A 186 -21.33 -14.47 -7.02
C ALA A 186 -21.19 -13.89 -5.62
N ALA A 187 -20.04 -13.30 -5.30
CA ALA A 187 -19.77 -12.82 -3.95
C ALA A 187 -20.49 -11.51 -3.66
N ILE A 188 -20.62 -10.61 -4.64
CA ILE A 188 -21.09 -9.26 -4.33
CA ILE A 188 -21.13 -9.25 -4.37
C ILE A 188 -22.42 -9.24 -3.57
N PRO A 189 -23.43 -10.06 -3.89
CA PRO A 189 -24.67 -10.02 -3.10
C PRO A 189 -24.50 -10.31 -1.62
N HIS A 190 -23.40 -10.96 -1.23
CA HIS A 190 -23.12 -11.23 0.17
C HIS A 190 -22.40 -10.08 0.88
N LEU A 191 -21.76 -9.17 0.15
CA LEU A 191 -20.80 -8.23 0.76
C LEU A 191 -21.51 -7.02 1.34
N PRO A 192 -21.44 -6.79 2.65
CA PRO A 192 -22.11 -5.61 3.23
CA PRO A 192 -22.10 -5.61 3.22
C PRO A 192 -21.23 -4.38 3.06
N PRO A 193 -21.79 -3.18 3.27
CA PRO A 193 -20.95 -1.98 3.32
C PRO A 193 -19.84 -2.19 4.35
N GLY A 194 -18.63 -1.79 3.97
CA GLY A 194 -17.46 -2.05 4.78
C GLY A 194 -16.62 -3.22 4.32
N ALA A 195 -17.10 -4.01 3.35
CA ALA A 195 -16.38 -5.17 2.85
C ALA A 195 -15.23 -4.77 1.94
N SER A 196 -14.34 -5.74 1.67
CA SER A 196 -13.19 -5.50 0.81
CA SER A 196 -13.16 -5.51 0.85
C SER A 196 -13.02 -6.66 -0.15
N ILE A 197 -12.68 -6.33 -1.40
CA ILE A 197 -12.23 -7.29 -2.41
C ILE A 197 -10.78 -6.93 -2.73
N ILE A 198 -9.90 -7.94 -2.75
CA ILE A 198 -8.50 -7.72 -3.10
C ILE A 198 -8.13 -8.71 -4.19
N ASN A 199 -7.56 -8.22 -5.30
CA ASN A 199 -7.14 -9.06 -6.42
C ASN A 199 -5.62 -9.06 -6.53
N THR A 200 -5.01 -10.26 -6.58
CA THR A 200 -3.56 -10.29 -6.84
C THR A 200 -3.29 -10.15 -8.34
N THR A 201 -2.55 -9.09 -8.70
CA THR A 201 -2.02 -8.95 -10.06
C THR A 201 -0.54 -9.32 -10.08
N SER A 202 0.29 -8.65 -10.91
CA SER A 202 1.71 -8.93 -11.01
C SER A 202 2.41 -7.73 -11.62
N VAL A 203 3.68 -7.54 -11.27
CA VAL A 203 4.53 -6.62 -12.05
C VAL A 203 4.53 -6.94 -13.55
N GLN A 204 4.22 -8.19 -13.92
CA GLN A 204 4.15 -8.55 -15.34
C GLN A 204 3.11 -7.75 -16.11
N ALA A 205 2.10 -7.20 -15.44
CA ALA A 205 1.16 -6.32 -16.13
C ALA A 205 1.89 -5.20 -16.88
N VAL A 206 3.01 -4.73 -16.32
CA VAL A 206 3.85 -3.69 -16.90
C VAL A 206 5.12 -4.24 -17.53
N ARG A 207 5.80 -5.17 -16.83
CA ARG A 207 7.08 -5.67 -17.34
C ARG A 207 6.90 -6.52 -18.60
N ALA A 208 5.79 -7.26 -18.70
CA ALA A 208 5.37 -7.95 -19.92
C ALA A 208 6.53 -8.67 -20.60
N SER A 209 7.07 -9.68 -19.94
CA SER A 209 8.21 -10.42 -20.49
CA SER A 209 8.21 -10.42 -20.48
C SER A 209 7.83 -11.20 -21.73
N ALA A 210 8.82 -11.43 -22.59
CA ALA A 210 8.62 -12.17 -23.84
C ALA A 210 8.03 -13.56 -23.60
N ASN A 211 8.36 -14.20 -22.48
CA ASN A 211 7.95 -15.57 -22.25
C ASN A 211 6.68 -15.71 -21.42
N LEU A 212 5.94 -14.62 -21.20
CA LEU A 212 4.72 -14.66 -20.39
C LEU A 212 3.57 -13.95 -21.08
N LEU A 213 3.37 -14.25 -22.36
CA LEU A 213 2.46 -13.49 -23.21
C LEU A 213 1.01 -13.54 -22.68
N ASP A 214 0.51 -14.75 -22.37
CA ASP A 214 -0.87 -14.87 -21.90
C ASP A 214 -1.01 -14.41 -20.46
N TYR A 215 -0.07 -14.81 -19.60
CA TYR A 215 -0.10 -14.41 -18.20
C TYR A 215 -0.09 -12.88 -18.05
N ALA A 216 0.85 -12.19 -18.72
CA ALA A 216 0.91 -10.73 -18.60
C ALA A 216 -0.38 -10.07 -19.07
N THR A 217 -0.96 -10.55 -20.17
CA THR A 217 -2.26 -10.08 -20.63
C THR A 217 -3.29 -10.14 -19.50
N THR A 218 -3.38 -11.30 -18.82
CA THR A 218 -4.39 -11.42 -17.77
C THR A 218 -4.08 -10.51 -16.59
N LYS A 219 -2.79 -10.32 -16.26
CA LYS A 219 -2.48 -9.53 -15.07
C LYS A 219 -2.77 -8.04 -15.29
N ALA A 220 -2.51 -7.54 -16.50
CA ALA A 220 -2.95 -6.19 -16.82
C ALA A 220 -4.48 -6.09 -16.80
N GLY A 221 -5.16 -7.12 -17.34
CA GLY A 221 -6.61 -7.12 -17.29
C GLY A 221 -7.14 -7.01 -15.88
N ILE A 222 -6.52 -7.74 -14.93
CA ILE A 222 -6.97 -7.72 -13.54
C ILE A 222 -6.93 -6.30 -12.97
N ILE A 223 -5.94 -5.49 -13.35
CA ILE A 223 -5.86 -4.12 -12.84
C ILE A 223 -7.05 -3.29 -13.32
N ALA A 224 -7.35 -3.33 -14.62
CA ALA A 224 -8.49 -2.55 -15.11
C ALA A 224 -9.80 -3.04 -14.51
N PHE A 225 -9.95 -4.36 -14.35
CA PHE A 225 -11.12 -4.93 -13.69
C PHE A 225 -11.27 -4.36 -12.27
N THR A 226 -10.18 -4.35 -11.53
CA THR A 226 -10.16 -3.81 -10.16
C THR A 226 -10.60 -2.36 -10.15
N ARG A 227 -10.01 -1.54 -11.02
CA ARG A 227 -10.29 -0.10 -10.99
C ARG A 227 -11.74 0.19 -11.41
N SER A 228 -12.24 -0.51 -12.43
CA SER A 228 -13.63 -0.32 -12.85
C SER A 228 -14.60 -0.76 -11.75
N LEU A 229 -14.38 -1.95 -11.19
CA LEU A 229 -15.27 -2.43 -10.14
C LEU A 229 -15.23 -1.54 -8.91
N ALA A 230 -14.07 -0.96 -8.59
CA ALA A 230 -14.00 0.00 -7.49
C ALA A 230 -14.93 1.18 -7.70
N LYS A 231 -15.03 1.68 -8.95
CA LYS A 231 -15.95 2.76 -9.23
C LYS A 231 -17.41 2.30 -9.12
N GLN A 232 -17.70 1.06 -9.52
CA GLN A 232 -19.08 0.56 -9.40
C GLN A 232 -19.48 0.40 -7.94
N LEU A 233 -18.59 -0.15 -7.13
CA LEU A 233 -18.95 -0.58 -5.79
C LEU A 233 -18.63 0.42 -4.70
N GLY A 234 -17.71 1.35 -4.93
CA GLY A 234 -17.45 2.42 -3.99
C GLY A 234 -18.70 3.07 -3.43
N PRO A 235 -19.65 3.46 -4.30
CA PRO A 235 -20.88 4.09 -3.80
C PRO A 235 -21.70 3.20 -2.88
N ARG A 236 -21.52 1.89 -2.96
CA ARG A 236 -22.18 0.91 -2.10
CA ARG A 236 -22.19 0.92 -2.10
C ARG A 236 -21.33 0.56 -0.87
N GLY A 237 -20.20 1.22 -0.70
CA GLY A 237 -19.39 1.02 0.48
C GLY A 237 -18.49 -0.18 0.44
N ILE A 238 -18.22 -0.75 -0.73
CA ILE A 238 -17.32 -1.89 -0.88
C ILE A 238 -16.07 -1.41 -1.59
N ARG A 239 -14.90 -1.70 -1.00
CA ARG A 239 -13.63 -1.28 -1.58
C ARG A 239 -13.03 -2.43 -2.37
N VAL A 240 -12.45 -2.11 -3.53
CA VAL A 240 -11.85 -3.10 -4.44
C VAL A 240 -10.44 -2.61 -4.75
N ASN A 241 -9.44 -3.43 -4.44
CA ASN A 241 -8.04 -3.04 -4.61
C ASN A 241 -7.26 -4.22 -5.14
N ALA A 242 -6.03 -3.95 -5.61
CA ALA A 242 -5.15 -4.99 -6.11
C ALA A 242 -3.78 -4.90 -5.46
N VAL A 243 -3.11 -6.05 -5.37
CA VAL A 243 -1.73 -6.15 -4.90
C VAL A 243 -0.87 -6.62 -6.06
N ALA A 244 0.27 -5.93 -6.31
CA ALA A 244 1.18 -6.26 -7.41
C ALA A 244 2.52 -6.77 -6.87
N PRO A 245 2.66 -8.09 -6.65
CA PRO A 245 3.95 -8.62 -6.20
C PRO A 245 4.99 -8.54 -7.30
N GLY A 246 6.25 -8.32 -6.89
CA GLY A 246 7.41 -8.70 -7.66
C GLY A 246 7.70 -10.17 -7.43
N PRO A 247 8.96 -10.59 -7.54
CA PRO A 247 9.27 -12.03 -7.49
C PRO A 247 9.21 -12.56 -6.06
N TYR A 248 8.41 -13.61 -5.86
CA TYR A 248 8.31 -14.31 -4.58
C TYR A 248 8.56 -15.81 -4.75
N TRP A 249 9.08 -16.41 -3.69
CA TRP A 249 9.47 -17.82 -3.67
C TRP A 249 8.23 -18.69 -3.44
N THR A 250 7.63 -19.17 -4.52
CA THR A 250 6.38 -19.92 -4.48
C THR A 250 6.37 -21.01 -5.53
N PRO A 251 5.48 -22.01 -5.38
CA PRO A 251 5.51 -23.14 -6.34
C PRO A 251 5.06 -22.75 -7.74
N LEU A 252 4.36 -21.63 -7.90
CA LEU A 252 3.99 -21.15 -9.22
C LEU A 252 5.23 -20.95 -10.08
N GLN A 253 6.34 -20.56 -9.45
CA GLN A 253 7.54 -20.22 -10.18
C GLN A 253 8.32 -21.47 -10.60
N SER A 254 8.42 -22.48 -9.73
CA SER A 254 9.19 -23.67 -10.04
C SER A 254 8.37 -24.77 -10.71
N SER A 255 7.09 -24.54 -10.96
CA SER A 255 6.26 -25.50 -11.67
C SER A 255 5.93 -25.05 -13.08
N GLY A 256 6.81 -24.24 -13.67
CA GLY A 256 6.70 -23.83 -15.05
C GLY A 256 6.41 -22.36 -15.24
N GLY A 257 6.20 -21.61 -14.16
CA GLY A 257 6.02 -20.18 -14.29
C GLY A 257 7.26 -19.47 -14.79
N GLN A 258 8.44 -19.98 -14.44
CA GLN A 258 9.73 -19.49 -14.91
C GLN A 258 10.53 -20.65 -15.48
N PRO A 259 11.45 -20.37 -16.39
CA PRO A 259 12.37 -21.43 -16.84
C PRO A 259 13.26 -21.87 -15.69
N PRO A 260 13.72 -23.11 -15.71
CA PRO A 260 14.49 -23.65 -14.57
CA PRO A 260 14.47 -23.63 -14.54
C PRO A 260 15.74 -22.87 -14.23
N GLU A 261 16.44 -22.33 -15.23
CA GLU A 261 17.65 -21.58 -14.94
C GLU A 261 17.33 -20.28 -14.23
N THR A 262 16.15 -19.72 -14.49
CA THR A 262 15.72 -18.52 -13.79
C THR A 262 15.39 -18.82 -12.34
N VAL A 263 14.81 -19.98 -12.06
CA VAL A 263 14.54 -20.39 -10.68
C VAL A 263 15.84 -20.47 -9.88
N VAL A 264 16.88 -21.07 -10.47
CA VAL A 264 18.17 -21.19 -9.78
C VAL A 264 18.72 -19.83 -9.35
N ASN A 265 18.58 -18.82 -10.20
CA ASN A 265 19.13 -17.51 -9.87
CA ASN A 265 19.13 -17.50 -9.99
C ASN A 265 18.05 -16.45 -9.70
N TYR A 266 16.92 -16.87 -9.13
CA TYR A 266 15.73 -16.04 -9.06
C TYR A 266 15.98 -14.73 -8.30
N ALA A 267 15.74 -13.61 -8.99
CA ALA A 267 15.85 -12.26 -8.44
C ALA A 267 17.28 -11.89 -8.01
N ALA A 268 18.29 -12.61 -8.53
CA ALA A 268 19.66 -12.34 -8.12
C ALA A 268 20.10 -10.92 -8.44
N GLY A 269 19.56 -10.33 -9.50
CA GLY A 269 19.97 -9.00 -9.91
C GLY A 269 19.15 -7.87 -9.31
N SER A 270 18.23 -8.16 -8.40
CA SER A 270 17.35 -7.15 -7.81
C SER A 270 18.11 -6.39 -6.73
N PRO A 271 17.56 -5.26 -6.24
CA PRO A 271 18.34 -4.47 -5.27
C PRO A 271 18.77 -5.21 -4.01
N TYR A 272 17.92 -6.09 -3.45
CA TYR A 272 18.39 -6.91 -2.32
C TYR A 272 19.16 -8.14 -2.78
N GLY A 273 19.08 -8.50 -4.05
CA GLY A 273 19.71 -9.72 -4.52
C GLY A 273 19.00 -11.00 -4.14
N ARG A 274 17.72 -10.94 -3.79
CA ARG A 274 16.98 -12.13 -3.38
C ARG A 274 15.51 -11.95 -3.75
N PRO A 275 14.78 -13.04 -3.97
CA PRO A 275 13.32 -12.92 -4.12
C PRO A 275 12.66 -12.66 -2.77
N GLY A 276 11.41 -12.23 -2.83
CA GLY A 276 10.62 -12.12 -1.62
C GLY A 276 10.20 -13.47 -1.08
N GLN A 277 9.98 -13.55 0.24
CA GLN A 277 9.24 -14.68 0.78
C GLN A 277 7.80 -14.27 1.00
N PRO A 278 6.83 -15.18 0.82
CA PRO A 278 5.41 -14.79 0.96
C PRO A 278 5.06 -14.07 2.25
N ALA A 279 5.72 -14.42 3.36
CA ALA A 279 5.53 -13.71 4.63
C ALA A 279 5.54 -12.19 4.44
N GLU A 280 6.45 -11.70 3.59
CA GLU A 280 6.70 -10.26 3.51
C GLU A 280 5.54 -9.48 2.90
N ILE A 281 4.67 -10.11 2.11
CA ILE A 281 3.60 -9.39 1.43
C ILE A 281 2.26 -9.46 2.19
N ALA A 282 2.13 -10.37 3.15
CA ALA A 282 0.89 -10.44 3.93
C ALA A 282 0.45 -9.09 4.51
N PRO A 283 1.35 -8.23 5.01
CA PRO A 283 0.90 -6.94 5.55
C PRO A 283 0.10 -6.09 4.56
N LEU A 284 0.33 -6.21 3.26
CA LEU A 284 -0.45 -5.42 2.31
C LEU A 284 -1.91 -5.85 2.31
N TYR A 285 -2.15 -7.17 2.38
CA TYR A 285 -3.51 -7.69 2.38
C TYR A 285 -4.25 -7.28 3.66
N VAL A 286 -3.57 -7.34 4.81
CA VAL A 286 -4.18 -6.91 6.07
C VAL A 286 -4.52 -5.42 6.00
N ALA A 287 -3.57 -4.61 5.54
CA ALA A 287 -3.82 -3.16 5.49
C ALA A 287 -4.96 -2.82 4.54
N LEU A 288 -5.02 -3.46 3.37
CA LEU A 288 -6.09 -3.14 2.45
C LEU A 288 -7.45 -3.55 2.99
N ALA A 289 -7.52 -4.66 3.74
CA ALA A 289 -8.81 -5.14 4.23
C ALA A 289 -9.29 -4.37 5.46
N ALA A 290 -8.38 -3.80 6.25
CA ALA A 290 -8.76 -3.19 7.53
C ALA A 290 -9.75 -2.06 7.33
N SER A 291 -10.71 -1.96 8.25
CA SER A 291 -11.75 -0.94 8.15
CA SER A 291 -11.75 -0.94 8.14
C SER A 291 -11.18 0.48 8.20
N GLU A 292 -10.05 0.68 8.86
CA GLU A 292 -9.48 2.03 9.00
C GLU A 292 -8.89 2.56 7.70
N THR A 293 -8.62 1.69 6.72
CA THR A 293 -7.96 2.10 5.46
C THR A 293 -9.04 2.51 4.44
N SER A 294 -9.88 3.47 4.88
CA SER A 294 -11.21 3.63 4.30
C SER A 294 -11.24 4.47 3.03
N TYR A 295 -10.13 5.11 2.63
CA TYR A 295 -10.07 5.86 1.38
C TYR A 295 -9.15 5.21 0.36
N ALA A 296 -8.77 3.94 0.57
CA ALA A 296 -8.03 3.16 -0.43
C ALA A 296 -9.05 2.36 -1.23
N ASN A 297 -9.28 2.76 -2.47
CA ASN A 297 -10.27 2.10 -3.31
C ASN A 297 -9.84 2.27 -4.76
N GLY A 298 -9.77 1.18 -5.50
CA GLY A 298 -9.25 1.21 -6.86
C GLY A 298 -7.74 1.28 -6.97
N GLN A 299 -7.01 0.97 -5.91
CA GLN A 299 -5.56 1.12 -5.92
C GLN A 299 -4.87 -0.17 -6.34
N VAL A 300 -3.63 -0.04 -6.80
CA VAL A 300 -2.73 -1.17 -7.03
C VAL A 300 -1.51 -0.91 -6.16
N TRP A 301 -1.33 -1.70 -5.10
CA TRP A 301 -0.17 -1.52 -4.21
C TRP A 301 0.89 -2.57 -4.54
N GLY A 302 2.09 -2.13 -4.94
CA GLY A 302 3.16 -3.06 -5.22
C GLY A 302 4.00 -3.45 -4.02
N ALA A 303 4.63 -4.62 -4.13
CA ALA A 303 5.67 -5.04 -3.19
C ALA A 303 6.67 -5.87 -4.00
N ASP A 304 7.62 -5.19 -4.63
CA ASP A 304 8.50 -5.81 -5.61
C ASP A 304 9.98 -5.72 -5.25
N GLY A 305 10.29 -5.34 -4.01
CA GLY A 305 11.66 -5.40 -3.56
C GLY A 305 12.60 -4.43 -4.23
N GLY A 306 12.07 -3.31 -4.75
CA GLY A 306 12.91 -2.29 -5.33
C GLY A 306 12.90 -2.23 -6.84
N LEU A 307 12.20 -3.14 -7.52
CA LEU A 307 12.02 -2.98 -8.96
C LEU A 307 11.28 -1.69 -9.26
N GLY A 308 10.38 -1.26 -8.38
CA GLY A 308 9.71 0.02 -8.57
C GLY A 308 8.74 0.03 -9.74
N ILE A 309 7.81 -0.92 -9.75
CA ILE A 309 6.84 -1.02 -10.84
C ILE A 309 5.53 -0.34 -10.45
N PHE A 310 4.91 -0.80 -9.36
CA PHE A 310 3.71 -0.18 -8.83
C PHE A 310 4.02 0.45 -7.49
N GLY B 19 -15.82 -4.37 13.81
CA GLY B 19 -16.98 -4.49 12.97
C GLY B 19 -16.85 -3.73 11.65
N LEU B 20 -17.83 -3.93 10.78
CA LEU B 20 -17.83 -3.26 9.49
C LEU B 20 -18.43 -1.88 9.59
N THR B 21 -17.84 -0.94 8.86
CA THR B 21 -18.34 0.43 8.77
CA THR B 21 -18.36 0.42 8.78
C THR B 21 -18.43 0.83 7.32
N ASN B 22 -19.52 1.51 6.95
CA ASN B 22 -19.66 2.00 5.58
C ASN B 22 -18.74 3.19 5.37
N PRO B 23 -17.73 3.10 4.52
CA PRO B 23 -16.84 4.25 4.32
C PRO B 23 -17.52 5.45 3.69
N VAL B 24 -18.62 5.26 2.97
CA VAL B 24 -19.23 6.35 2.21
C VAL B 24 -19.56 7.52 3.12
N ASP B 25 -20.26 7.24 4.24
CA ASP B 25 -20.76 8.30 5.10
CA ASP B 25 -20.81 8.24 5.13
C ASP B 25 -20.01 8.37 6.43
N LEU B 26 -18.79 7.86 6.46
CA LEU B 26 -17.97 7.88 7.66
C LEU B 26 -17.47 9.29 7.99
N TYR B 27 -17.43 10.17 7.00
CA TYR B 27 -16.85 11.50 7.12
C TYR B 27 -17.68 12.52 6.35
N PRO B 28 -17.48 13.83 6.57
CA PRO B 28 -18.35 14.84 5.96
C PRO B 28 -18.31 14.87 4.44
N LYS B 29 -19.45 15.22 3.84
CA LYS B 29 -19.57 15.38 2.40
C LYS B 29 -19.90 16.83 2.05
N PRO B 30 -19.52 17.28 0.86
CA PRO B 30 -19.89 18.63 0.41
C PRO B 30 -21.40 18.75 0.26
N PRO B 31 -21.93 19.98 0.14
CA PRO B 31 -21.16 21.25 0.08
C PRO B 31 -20.60 21.70 1.42
N PHE B 32 -19.42 22.28 1.39
CA PHE B 32 -18.74 22.87 2.53
C PHE B 32 -18.88 24.38 2.49
N PRO B 33 -18.80 25.07 3.62
CA PRO B 33 -18.89 26.54 3.61
C PRO B 33 -17.82 27.18 2.74
N HIS B 34 -18.17 28.30 2.12
CA HIS B 34 -17.18 29.12 1.43
C HIS B 34 -16.11 29.53 2.43
N GLN B 35 -14.84 29.29 2.08
CA GLN B 35 -13.76 29.53 3.04
C GLN B 35 -12.45 29.69 2.30
N VAL B 36 -11.60 30.59 2.81
CA VAL B 36 -10.29 30.89 2.21
CA VAL B 36 -10.28 30.80 2.24
C VAL B 36 -9.36 31.26 3.36
N GLN B 37 -8.07 30.95 3.21
CA GLN B 37 -7.03 31.36 4.15
C GLN B 37 -5.79 31.74 3.37
N ALA B 38 -4.92 32.53 3.99
CA ALA B 38 -3.59 32.75 3.44
C ALA B 38 -2.76 31.48 3.65
N PRO B 39 -1.95 31.08 2.65
CA PRO B 39 -1.12 29.88 2.84
C PRO B 39 -0.02 30.12 3.85
N PRO B 40 0.42 29.08 4.57
CA PRO B 40 0.00 27.68 4.43
C PRO B 40 -1.34 27.30 5.10
N GLY B 41 -1.96 28.24 5.83
CA GLY B 41 -3.25 28.00 6.44
C GLY B 41 -3.15 27.25 7.76
N LEU B 42 -4.29 27.15 8.45
CA LEU B 42 -4.42 26.45 9.72
C LEU B 42 -5.57 25.45 9.62
N ALA B 43 -5.33 24.23 10.12
CA ALA B 43 -6.41 23.25 10.16
C ALA B 43 -7.56 23.73 11.05
N SER B 44 -7.23 24.46 12.12
CA SER B 44 -8.25 24.88 13.08
C SER B 44 -9.24 25.88 12.49
N ARG B 45 -8.92 26.51 11.35
CA ARG B 45 -9.82 27.46 10.72
C ARG B 45 -10.66 26.86 9.61
N MET B 46 -10.48 25.57 9.31
CA MET B 46 -11.29 24.95 8.29
C MET B 46 -12.67 24.60 8.84
N GLN B 47 -13.64 24.54 7.93
CA GLN B 47 -15.03 24.25 8.29
C GLN B 47 -15.54 23.14 7.39
N PRO B 48 -15.71 21.91 7.90
CA PRO B 48 -15.49 21.52 9.30
C PRO B 48 -14.02 21.33 9.62
N ARG B 49 -13.70 21.23 10.89
CA ARG B 49 -12.33 20.94 11.31
CA ARG B 49 -12.32 20.96 11.25
C ARG B 49 -11.94 19.55 10.80
N PRO B 50 -10.75 19.38 10.24
CA PRO B 50 -10.38 18.06 9.71
C PRO B 50 -10.19 17.04 10.84
N ASP B 51 -10.36 15.78 10.47
CA ASP B 51 -10.13 14.67 11.38
C ASP B 51 -8.78 14.06 11.01
N HIS B 52 -7.79 14.21 11.89
CA HIS B 52 -6.47 13.64 11.71
C HIS B 52 -6.29 12.35 12.52
N GLY B 53 -7.37 11.80 13.08
CA GLY B 53 -7.28 10.61 13.91
C GLY B 53 -7.08 10.89 15.38
N GLU B 54 -7.28 12.14 15.81
CA GLU B 54 -7.05 12.52 17.20
C GLU B 54 -7.82 11.62 18.16
N GLN B 55 -9.06 11.25 17.81
CA GLN B 55 -9.82 10.35 18.66
C GLN B 55 -9.81 8.91 18.16
N SER B 56 -9.75 8.69 16.85
CA SER B 56 -10.01 7.36 16.34
C SER B 56 -8.79 6.46 16.26
N TYR B 57 -7.57 7.00 16.12
CA TYR B 57 -6.43 6.13 15.83
C TYR B 57 -5.97 5.45 17.11
N ARG B 58 -5.98 4.12 17.14
CA ARG B 58 -5.50 3.35 18.27
C ARG B 58 -4.27 2.56 17.85
N GLY B 59 -3.16 2.79 18.54
CA GLY B 59 -1.95 2.08 18.25
C GLY B 59 -1.95 0.65 18.78
N ARG B 60 -1.06 -0.15 18.21
CA ARG B 60 -0.93 -1.57 18.53
C ARG B 60 0.53 -2.01 18.56
N GLY B 61 1.43 -1.10 18.94
CA GLY B 61 2.83 -1.45 19.11
C GLY B 61 3.56 -1.80 17.83
N ARG B 62 3.21 -1.15 16.71
CA ARG B 62 3.77 -1.53 15.43
C ARG B 62 5.10 -0.85 15.10
N LEU B 63 5.49 0.19 15.84
CA LEU B 63 6.68 0.98 15.55
C LEU B 63 7.42 1.37 16.83
N VAL B 64 7.49 0.45 17.80
CA VAL B 64 8.01 0.79 19.12
C VAL B 64 9.48 1.20 19.05
N GLY B 65 9.78 2.37 19.60
CA GLY B 65 11.16 2.85 19.65
C GLY B 65 11.70 3.41 18.36
N ARG B 66 10.88 3.50 17.30
CA ARG B 66 11.37 4.12 16.07
C ARG B 66 11.56 5.62 16.27
N LYS B 67 12.35 6.23 15.39
CA LYS B 67 12.77 7.62 15.51
C LYS B 67 12.42 8.32 14.20
N THR B 68 11.44 9.25 14.24
CA THR B 68 10.83 9.72 13.01
CA THR B 68 10.77 9.73 13.04
C THR B 68 10.95 11.23 12.86
N LEU B 69 11.10 11.67 11.61
CA LEU B 69 11.01 13.08 11.23
C LEU B 69 9.95 13.21 10.15
N VAL B 70 8.94 14.04 10.39
CA VAL B 70 7.85 14.28 9.44
C VAL B 70 7.83 15.76 9.09
N THR B 71 8.09 16.10 7.82
CA THR B 71 7.93 17.50 7.43
C THR B 71 6.45 17.81 7.15
N GLY B 72 6.04 19.04 7.46
CA GLY B 72 4.60 19.33 7.41
C GLY B 72 3.79 18.46 8.37
N GLY B 73 4.31 18.25 9.59
CA GLY B 73 3.65 17.42 10.59
C GLY B 73 2.64 18.13 11.47
N ASP B 74 2.41 19.42 11.22
CA ASP B 74 1.54 20.26 12.04
C ASP B 74 0.07 20.10 11.68
N SER B 75 -0.23 19.70 10.44
CA SER B 75 -1.59 19.70 9.91
C SER B 75 -1.70 18.63 8.84
N GLY B 76 -2.95 18.32 8.46
CA GLY B 76 -3.18 17.49 7.28
C GLY B 76 -2.64 16.08 7.39
N ILE B 77 -2.18 15.58 6.24
CA ILE B 77 -1.71 14.19 6.13
C ILE B 77 -0.51 13.97 7.05
N GLY B 78 0.41 14.93 7.11
CA GLY B 78 1.57 14.77 7.97
C GLY B 78 1.20 14.67 9.44
N ARG B 79 0.21 15.47 9.87
CA ARG B 79 -0.28 15.39 11.25
C ARG B 79 -0.90 14.02 11.54
N ALA B 80 -1.70 13.50 10.61
CA ALA B 80 -2.28 12.17 10.80
C ALA B 80 -1.18 11.11 10.89
N ALA B 81 -0.16 11.20 10.06
CA ALA B 81 0.96 10.26 10.17
C ALA B 81 1.70 10.40 11.50
N ALA B 82 1.95 11.65 11.93
CA ALA B 82 2.68 11.87 13.19
C ALA B 82 1.91 11.29 14.38
N ILE B 83 0.59 11.52 14.43
CA ILE B 83 -0.24 10.97 15.51
C ILE B 83 -0.16 9.45 15.51
N ALA B 84 -0.33 8.85 14.32
CA ALA B 84 -0.32 7.39 14.24
C ALA B 84 1.05 6.83 14.63
N PHE B 85 2.14 7.42 14.13
CA PHE B 85 3.48 6.94 14.48
C PHE B 85 3.67 6.95 16.00
N ALA B 86 3.29 8.05 16.65
CA ALA B 86 3.47 8.15 18.10
C ALA B 86 2.65 7.10 18.81
N ARG B 87 1.41 6.88 18.38
CA ARG B 87 0.55 5.89 19.01
C ARG B 87 1.03 4.48 18.77
N GLU B 88 1.80 4.25 17.71
CA GLU B 88 2.43 2.96 17.47
C GLU B 88 3.76 2.81 18.21
N GLY B 89 4.15 3.80 19.01
CA GLY B 89 5.32 3.72 19.86
C GLY B 89 6.57 4.42 19.37
N ALA B 90 6.47 5.24 18.32
CA ALA B 90 7.63 5.95 17.77
C ALA B 90 7.75 7.35 18.35
N ASP B 91 8.98 7.81 18.49
CA ASP B 91 9.23 9.22 18.79
C ASP B 91 9.18 10.01 17.48
N VAL B 92 8.70 11.26 17.56
CA VAL B 92 8.36 12.02 16.35
C VAL B 92 8.85 13.46 16.44
N ALA B 93 9.72 13.85 15.52
CA ALA B 93 10.03 15.26 15.26
C ALA B 93 9.18 15.75 14.10
N ILE B 94 8.64 16.97 14.21
CA ILE B 94 7.83 17.54 13.14
C ILE B 94 8.44 18.84 12.65
N GLY B 95 8.47 19.01 11.32
CA GLY B 95 8.73 20.28 10.70
C GLY B 95 7.42 20.97 10.34
N TYR B 96 7.49 22.29 10.25
CA TYR B 96 6.35 23.14 9.89
C TYR B 96 6.88 24.56 9.74
N LEU B 97 5.99 25.48 9.29
CA LEU B 97 6.40 26.87 9.17
C LEU B 97 5.99 27.63 10.43
N PRO B 98 6.78 28.65 10.83
CA PRO B 98 6.49 29.36 12.09
C PRO B 98 5.05 29.82 12.27
N VAL B 99 4.38 30.31 11.22
CA VAL B 99 3.00 30.78 11.35
C VAL B 99 2.02 29.68 11.73
N GLU B 100 2.42 28.41 11.62
CA GLU B 100 1.56 27.28 11.97
C GLU B 100 1.71 26.81 13.40
N GLU B 101 2.37 27.60 14.27
CA GLU B 101 2.65 27.19 15.64
C GLU B 101 1.40 26.67 16.37
N SER B 102 0.24 27.31 16.17
CA SER B 102 -0.95 26.89 16.90
C SER B 102 -1.41 25.49 16.51
N ASP B 103 -1.27 25.11 15.23
CA ASP B 103 -1.53 23.74 14.83
C ASP B 103 -0.46 22.80 15.38
N ALA B 104 0.81 23.21 15.25
CA ALA B 104 1.91 22.33 15.64
C ALA B 104 1.89 21.99 17.12
N ARG B 105 1.57 22.96 17.99
CA ARG B 105 1.56 22.70 19.42
CA ARG B 105 1.61 22.65 19.41
C ARG B 105 0.57 21.61 19.80
N GLU B 106 -0.55 21.52 19.05
CA GLU B 106 -1.51 20.46 19.31
C GLU B 106 -0.92 19.09 18.98
N VAL B 107 -0.19 18.98 17.87
CA VAL B 107 0.39 17.71 17.48
C VAL B 107 1.46 17.29 18.48
N VAL B 108 2.30 18.26 18.89
CA VAL B 108 3.33 17.98 19.89
C VAL B 108 2.69 17.45 21.17
N ALA B 109 1.58 18.05 21.61
CA ALA B 109 0.92 17.58 22.82
C ALA B 109 0.36 16.18 22.65
N LEU B 110 -0.17 15.87 21.45
CA LEU B 110 -0.73 14.54 21.21
C LEU B 110 0.37 13.47 21.14
N ILE B 111 1.50 13.79 20.52
CA ILE B 111 2.62 12.84 20.51
C ILE B 111 3.04 12.54 21.94
N ARG B 112 3.17 13.58 22.75
CA ARG B 112 3.58 13.44 24.13
C ARG B 112 2.54 12.72 24.97
N ALA B 113 1.25 12.92 24.69
CA ALA B 113 0.20 12.23 25.44
C ALA B 113 0.18 10.73 25.14
N ALA B 114 0.72 10.31 23.99
CA ALA B 114 0.96 8.90 23.69
C ALA B 114 2.20 8.36 24.39
N GLY B 115 2.87 9.17 25.21
CA GLY B 115 4.02 8.71 25.96
C GLY B 115 5.33 8.76 25.24
N ARG B 116 5.39 9.37 24.05
CA ARG B 116 6.60 9.38 23.25
C ARG B 116 7.20 10.78 23.24
N GLN B 117 8.41 10.87 22.71
CA GLN B 117 9.06 12.18 22.60
C GLN B 117 8.58 12.90 21.35
N ALA B 118 8.31 14.20 21.50
CA ALA B 118 8.01 15.09 20.39
C ALA B 118 9.05 16.20 20.29
N VAL B 119 9.44 16.55 19.07
CA VAL B 119 10.42 17.61 18.83
C VAL B 119 9.81 18.56 17.79
N ALA B 120 9.72 19.84 18.13
CA ALA B 120 9.16 20.85 17.24
C ALA B 120 10.30 21.57 16.51
N LEU B 121 10.33 21.49 15.18
CA LEU B 121 11.43 22.04 14.39
C LEU B 121 10.92 22.93 13.26
N PRO B 122 10.39 24.11 13.60
CA PRO B 122 9.88 25.01 12.56
C PRO B 122 11.00 25.62 11.73
N GLY B 123 10.72 25.81 10.45
CA GLY B 123 11.63 26.49 9.54
C GLY B 123 11.26 26.19 8.10
N ASP B 124 11.85 26.99 7.21
CA ASP B 124 11.52 26.98 5.78
C ASP B 124 12.49 26.05 5.03
N ILE B 125 11.96 24.96 4.47
CA ILE B 125 12.79 23.95 3.81
C ILE B 125 13.31 24.38 2.45
N ARG B 126 12.91 25.55 1.96
CA ARG B 126 13.58 26.12 0.78
C ARG B 126 14.99 26.60 1.08
N ASP B 127 15.35 26.69 2.35
CA ASP B 127 16.67 27.13 2.80
C ASP B 127 17.53 25.88 3.04
N GLU B 128 18.57 25.73 2.23
CA GLU B 128 19.42 24.56 2.30
C GLU B 128 20.05 24.40 3.68
N THR B 129 20.53 25.50 4.27
CA THR B 129 21.13 25.36 5.60
CA THR B 129 21.13 25.40 5.60
C THR B 129 20.10 24.96 6.64
N PHE B 130 18.85 25.43 6.52
CA PHE B 130 17.84 24.98 7.45
C PHE B 130 17.58 23.48 7.31
N CYS B 131 17.53 22.98 6.06
CA CYS B 131 17.33 21.54 5.87
C CYS B 131 18.41 20.74 6.59
N GLN B 132 19.67 21.18 6.49
CA GLN B 132 20.74 20.50 7.20
C GLN B 132 20.55 20.56 8.72
N ARG B 133 20.16 21.74 9.24
CA ARG B 133 19.95 21.87 10.69
C ARG B 133 18.75 21.05 11.16
N LEU B 134 17.69 21.01 10.35
CA LEU B 134 16.51 20.22 10.68
C LEU B 134 16.87 18.77 10.94
N VAL B 135 17.61 18.16 10.02
CA VAL B 135 17.99 16.77 10.18
C VAL B 135 18.94 16.60 11.36
N ALA B 136 19.96 17.45 11.47
CA ALA B 136 20.91 17.33 12.57
C ALA B 136 20.22 17.44 13.93
N ARG B 137 19.31 18.41 14.06
CA ARG B 137 18.62 18.63 15.33
C ARG B 137 17.64 17.51 15.64
N ALA B 138 16.93 17.00 14.63
CA ALA B 138 16.05 15.87 14.87
C ALA B 138 16.82 14.65 15.34
N ALA B 139 17.91 14.31 14.65
CA ALA B 139 18.68 13.13 15.04
C ALA B 139 19.30 13.28 16.41
N GLU B 140 19.82 14.48 16.72
CA GLU B 140 20.39 14.72 18.04
C GLU B 140 19.32 14.57 19.13
N ALA B 141 18.15 15.17 18.92
CA ALA B 141 17.12 15.15 19.96
C ALA B 141 16.57 13.75 20.17
N LEU B 142 16.37 13.00 19.08
CA LEU B 142 15.74 11.68 19.16
C LEU B 142 16.73 10.58 19.49
N GLY B 143 18.04 10.85 19.41
CA GLY B 143 19.02 9.80 19.60
C GLY B 143 19.20 8.91 18.39
N GLY B 144 18.94 9.43 17.20
CA GLY B 144 19.03 8.70 15.96
C GLY B 144 17.88 9.07 15.06
N LEU B 145 17.79 8.39 13.93
CA LEU B 145 16.75 8.65 12.95
C LEU B 145 16.58 7.40 12.08
N ASP B 146 15.33 6.92 11.95
CA ASP B 146 15.11 5.73 11.13
C ASP B 146 13.76 5.69 10.41
N ILE B 147 12.94 6.75 10.50
CA ILE B 147 11.84 6.98 9.56
C ILE B 147 11.90 8.44 9.16
N LEU B 148 12.02 8.70 7.86
CA LEU B 148 11.95 10.06 7.33
C LEU B 148 10.74 10.16 6.42
N VAL B 149 9.87 11.15 6.68
CA VAL B 149 8.70 11.40 5.83
C VAL B 149 8.82 12.78 5.22
N ASN B 150 9.08 12.85 3.91
CA ASN B 150 9.12 14.12 3.18
C ASN B 150 7.70 14.40 2.71
N ASN B 151 7.01 15.25 3.47
CA ASN B 151 5.59 15.45 3.26
C ASN B 151 5.20 16.91 3.01
N ALA B 152 6.02 17.88 3.45
CA ALA B 152 5.72 19.29 3.21
C ALA B 152 5.57 19.57 1.73
N ALA B 153 4.69 20.51 1.39
CA ALA B 153 4.57 20.91 -0.01
C ALA B 153 3.98 22.31 -0.12
N ARG B 154 4.32 22.96 -1.23
CA ARG B 154 3.64 24.16 -1.71
CA ARG B 154 3.64 24.16 -1.70
C ARG B 154 2.74 23.79 -2.88
N GLN B 155 1.53 24.33 -2.89
CA GLN B 155 0.57 24.12 -3.97
CA GLN B 155 0.58 24.13 -3.99
C GLN B 155 -0.20 25.43 -4.17
N GLN B 156 0.01 26.10 -5.30
CA GLN B 156 -0.68 27.35 -5.60
C GLN B 156 -1.16 27.29 -7.05
N ALA B 157 -2.47 27.13 -7.20
CA ALA B 157 -3.06 26.97 -8.52
C ALA B 157 -3.00 28.27 -9.32
N LEU B 158 -2.76 28.12 -10.62
CA LEU B 158 -2.77 29.24 -11.56
C LEU B 158 -3.35 28.73 -12.88
N ASP B 159 -4.25 29.51 -13.49
CA ASP B 159 -4.93 29.05 -14.69
C ASP B 159 -4.05 29.06 -15.94
N SER B 160 -2.97 29.85 -15.96
CA SER B 160 -2.20 29.99 -17.18
C SER B 160 -0.72 30.17 -16.84
N ILE B 161 0.13 29.67 -17.75
CA ILE B 161 1.57 29.84 -17.59
C ILE B 161 1.94 31.33 -17.68
N GLY B 162 1.14 32.12 -18.39
CA GLY B 162 1.41 33.55 -18.45
C GLY B 162 1.36 34.24 -17.10
N GLU B 163 0.55 33.71 -16.18
CA GLU B 163 0.47 34.24 -14.82
C GLU B 163 1.57 33.72 -13.92
N MET B 164 2.30 32.69 -14.35
CA MET B 164 3.27 32.02 -13.49
C MET B 164 4.62 32.72 -13.62
N THR B 165 4.99 33.48 -12.60
CA THR B 165 6.31 34.13 -12.60
C THR B 165 7.37 33.10 -12.26
N THR B 166 8.63 33.46 -12.55
CA THR B 166 9.74 32.63 -12.08
C THR B 166 9.68 32.41 -10.57
N GLU B 167 9.32 33.46 -9.81
CA GLU B 167 9.21 33.31 -8.37
C GLU B 167 8.18 32.26 -7.97
N HIS B 168 7.05 32.20 -8.68
CA HIS B 168 6.03 31.17 -8.41
CA HIS B 168 6.04 31.19 -8.38
C HIS B 168 6.57 29.78 -8.66
N PHE B 169 7.12 29.58 -9.86
CA PHE B 169 7.65 28.26 -10.25
C PHE B 169 8.76 27.86 -9.31
N ASP B 170 9.69 28.77 -9.03
CA ASP B 170 10.82 28.49 -8.16
C ASP B 170 10.36 28.12 -6.75
N ALA B 171 9.36 28.82 -6.21
CA ALA B 171 8.90 28.50 -4.87
C ALA B 171 8.35 27.07 -4.79
N THR B 172 7.60 26.65 -5.81
CA THR B 172 7.07 25.28 -5.81
C THR B 172 8.18 24.25 -5.96
N VAL B 173 9.12 24.48 -6.88
CA VAL B 173 10.20 23.53 -7.13
C VAL B 173 11.19 23.49 -5.95
N LYS B 174 11.49 24.64 -5.36
CA LYS B 174 12.39 24.64 -4.21
C LYS B 174 11.78 23.93 -3.00
N THR B 175 10.48 24.11 -2.76
CA THR B 175 9.85 23.43 -1.62
C THR B 175 9.77 21.94 -1.87
N ASN B 176 9.28 21.55 -3.05
CA ASN B 176 8.81 20.18 -3.27
C ASN B 176 9.91 19.26 -3.81
N LEU B 177 10.92 19.80 -4.49
CA LEU B 177 12.04 19.00 -4.99
C LEU B 177 13.34 19.30 -4.25
N TYR B 178 13.78 20.57 -4.19
CA TYR B 178 15.06 20.84 -3.52
C TYR B 178 15.00 20.51 -2.03
N GLY B 179 13.93 20.92 -1.34
CA GLY B 179 13.83 20.62 0.09
C GLY B 179 13.92 19.13 0.36
N MET B 180 13.17 18.34 -0.40
CA MET B 180 13.25 16.88 -0.28
C MET B 180 14.68 16.39 -0.53
N PHE B 181 15.33 16.89 -1.58
CA PHE B 181 16.70 16.47 -1.87
C PHE B 181 17.64 16.77 -0.70
N TRP B 182 17.60 18.00 -0.19
CA TRP B 182 18.54 18.39 0.86
C TRP B 182 18.30 17.61 2.15
N ILE B 183 17.04 17.48 2.55
CA ILE B 183 16.71 16.76 3.77
C ILE B 183 17.10 15.29 3.64
N THR B 184 16.77 14.68 2.49
CA THR B 184 17.09 13.27 2.29
C THR B 184 18.60 13.04 2.29
N LYS B 185 19.34 13.89 1.57
CA LYS B 185 20.79 13.77 1.55
CA LYS B 185 20.79 13.76 1.55
C LYS B 185 21.38 13.88 2.95
N ALA B 186 20.93 14.86 3.74
CA ALA B 186 21.43 15.01 5.11
C ALA B 186 21.05 13.83 5.99
N ALA B 187 19.87 13.22 5.74
CA ALA B 187 19.38 12.15 6.59
C ALA B 187 20.11 10.83 6.36
N ILE B 188 20.50 10.49 5.12
CA ILE B 188 20.99 9.14 4.85
CA ILE B 188 21.02 9.15 4.80
C ILE B 188 22.13 8.69 5.75
N PRO B 189 23.14 9.51 6.07
CA PRO B 189 24.21 9.02 6.96
C PRO B 189 23.73 8.59 8.34
N HIS B 190 22.54 9.01 8.77
CA HIS B 190 21.96 8.59 10.04
C HIS B 190 21.17 7.28 9.95
N LEU B 191 20.75 6.85 8.76
CA LEU B 191 19.74 5.82 8.64
C LEU B 191 20.37 4.43 8.69
N PRO B 192 20.05 3.59 9.68
CA PRO B 192 20.62 2.25 9.74
CA PRO B 192 20.62 2.25 9.75
C PRO B 192 19.87 1.29 8.83
N PRO B 193 20.43 0.11 8.56
CA PRO B 193 19.64 -0.91 7.85
C PRO B 193 18.36 -1.16 8.62
N GLY B 194 17.26 -1.26 7.88
CA GLY B 194 15.94 -1.35 8.46
C GLY B 194 15.17 -0.05 8.47
N ALA B 195 15.80 1.06 8.10
CA ALA B 195 15.12 2.35 8.09
C ALA B 195 14.20 2.48 6.89
N SER B 196 13.33 3.51 6.95
CA SER B 196 12.36 3.78 5.90
CA SER B 196 12.36 3.77 5.89
C SER B 196 12.31 5.26 5.58
N ILE B 197 12.22 5.58 4.28
CA ILE B 197 11.94 6.93 3.80
C ILE B 197 10.61 6.86 3.07
N ILE B 198 9.70 7.79 3.37
CA ILE B 198 8.41 7.86 2.69
C ILE B 198 8.21 9.27 2.16
N ASN B 199 7.91 9.40 0.87
CA ASN B 199 7.68 10.71 0.24
C ASN B 199 6.22 10.84 -0.16
N THR B 200 5.56 11.93 0.24
CA THR B 200 4.19 12.16 -0.24
C THR B 200 4.22 12.75 -1.64
N THR B 201 3.60 12.06 -2.60
CA THR B 201 3.38 12.60 -3.95
C THR B 201 1.90 13.00 -4.07
N SER B 202 1.33 12.86 -5.28
CA SER B 202 -0.07 13.23 -5.50
C SER B 202 -0.58 12.51 -6.74
N VAL B 203 -1.89 12.26 -6.79
CA VAL B 203 -2.52 11.87 -8.05
C VAL B 203 -2.24 12.88 -9.18
N GLN B 204 -1.90 14.13 -8.84
CA GLN B 204 -1.57 15.12 -9.87
C GLN B 204 -0.36 14.72 -10.71
N ALA B 205 0.51 13.84 -10.21
CA ALA B 205 1.59 13.34 -11.04
C ALA B 205 1.07 12.78 -12.35
N VAL B 206 -0.12 12.16 -12.33
CA VAL B 206 -0.77 11.56 -13.49
C VAL B 206 -1.90 12.44 -14.02
N ARG B 207 -2.72 12.99 -13.12
CA ARG B 207 -3.88 13.77 -13.56
C ARG B 207 -3.47 15.08 -14.22
N ALA B 208 -2.40 15.70 -13.73
CA ALA B 208 -1.76 16.86 -14.36
C ALA B 208 -2.79 17.89 -14.84
N SER B 209 -3.51 18.48 -13.89
CA SER B 209 -4.54 19.45 -14.21
CA SER B 209 -4.54 19.44 -14.24
C SER B 209 -3.93 20.72 -14.81
N ALA B 210 -4.72 21.39 -15.66
CA ALA B 210 -4.30 22.64 -16.30
C ALA B 210 -3.85 23.70 -15.29
N ASN B 211 -4.48 23.73 -14.11
CA ASN B 211 -4.22 24.80 -13.16
C ASN B 211 -3.13 24.45 -12.13
N LEU B 212 -2.40 23.35 -12.31
CA LEU B 212 -1.36 22.93 -11.36
C LEU B 212 -0.07 22.56 -12.09
N LEU B 213 0.34 23.43 -13.02
CA LEU B 213 1.46 23.12 -13.92
C LEU B 213 2.74 22.84 -13.15
N ASP B 214 3.11 23.71 -12.21
CA ASP B 214 4.35 23.51 -11.46
C ASP B 214 4.23 22.41 -10.41
N TYR B 215 3.11 22.40 -9.69
CA TYR B 215 2.86 21.38 -8.67
C TYR B 215 2.91 19.98 -9.27
N ALA B 216 2.18 19.75 -10.37
CA ALA B 216 2.15 18.42 -10.97
C ALA B 216 3.54 17.99 -11.42
N THR B 217 4.31 18.91 -12.01
CA THR B 217 5.71 18.65 -12.38
C THR B 217 6.49 18.11 -11.17
N THR B 218 6.38 18.79 -10.03
CA THR B 218 7.14 18.33 -8.85
C THR B 218 6.64 16.98 -8.36
N LYS B 219 5.31 16.74 -8.40
CA LYS B 219 4.79 15.48 -7.84
C LYS B 219 5.19 14.28 -8.68
N ALA B 220 5.23 14.43 -10.01
CA ALA B 220 5.78 13.37 -10.86
C ALA B 220 7.28 13.19 -10.58
N GLY B 221 8.01 14.30 -10.43
CA GLY B 221 9.41 14.21 -10.07
C GLY B 221 9.66 13.41 -8.80
N ILE B 222 8.81 13.62 -7.77
CA ILE B 222 8.97 12.92 -6.50
C ILE B 222 8.89 11.41 -6.70
N ILE B 223 8.03 10.95 -7.61
CA ILE B 223 7.92 9.51 -7.85
C ILE B 223 9.21 8.93 -8.42
N ALA B 224 9.78 9.57 -9.44
CA ALA B 224 11.04 9.06 -10.00
C ALA B 224 12.18 9.14 -8.98
N PHE B 225 12.21 10.22 -8.19
CA PHE B 225 13.21 10.33 -7.11
C PHE B 225 13.09 9.14 -6.17
N THR B 226 11.84 8.83 -5.76
CA THR B 226 11.59 7.71 -4.85
C THR B 226 12.08 6.40 -5.45
N ARG B 227 11.73 6.13 -6.71
CA ARG B 227 12.07 4.85 -7.32
C ARG B 227 13.59 4.71 -7.52
N SER B 228 14.26 5.79 -7.95
CA SER B 228 15.70 5.75 -8.11
C SER B 228 16.42 5.54 -6.78
N LEU B 229 16.03 6.33 -5.76
CA LEU B 229 16.69 6.21 -4.45
C LEU B 229 16.45 4.83 -3.84
N ALA B 230 15.26 4.24 -4.07
CA ALA B 230 15.01 2.87 -3.61
C ALA B 230 16.02 1.88 -4.20
N LYS B 231 16.33 2.00 -5.49
CA LYS B 231 17.35 1.13 -6.08
C LYS B 231 18.73 1.41 -5.49
N GLN B 232 19.01 2.69 -5.22
CA GLN B 232 20.32 3.06 -4.70
C GLN B 232 20.52 2.52 -3.27
N LEU B 233 19.48 2.65 -2.42
CA LEU B 233 19.60 2.36 -1.00
C LEU B 233 19.12 0.97 -0.59
N GLY B 234 18.31 0.30 -1.42
CA GLY B 234 17.95 -1.08 -1.17
C GLY B 234 19.10 -1.96 -0.74
N PRO B 235 20.25 -1.88 -1.44
CA PRO B 235 21.39 -2.72 -1.05
C PRO B 235 21.94 -2.45 0.34
N ARG B 236 21.74 -1.25 0.89
CA ARG B 236 22.08 -0.86 2.26
CA ARG B 236 22.13 -1.03 2.28
C ARG B 236 20.96 -1.15 3.25
N GLY B 237 19.88 -1.76 2.81
CA GLY B 237 18.80 -2.10 3.70
C GLY B 237 17.87 -0.97 4.06
N ILE B 238 17.83 0.10 3.28
CA ILE B 238 16.92 1.23 3.52
C ILE B 238 15.85 1.21 2.44
N ARG B 239 14.58 1.23 2.85
CA ARG B 239 13.47 1.21 1.92
C ARG B 239 12.95 2.63 1.67
N VAL B 240 12.64 2.92 0.42
CA VAL B 240 12.19 4.26 0.00
C VAL B 240 10.88 4.06 -0.78
N ASN B 241 9.80 4.68 -0.30
CA ASN B 241 8.48 4.48 -0.92
C ASN B 241 7.76 5.82 -0.97
N ALA B 242 6.65 5.87 -1.71
CA ALA B 242 5.85 7.08 -1.83
C ALA B 242 4.38 6.75 -1.59
N VAL B 243 3.63 7.75 -1.12
CA VAL B 243 2.18 7.68 -0.95
C VAL B 243 1.54 8.70 -1.88
N ALA B 244 0.53 8.28 -2.64
CA ALA B 244 -0.16 9.15 -3.60
C ALA B 244 -1.59 9.40 -3.16
N PRO B 245 -1.85 10.45 -2.38
CA PRO B 245 -3.23 10.76 -1.99
C PRO B 245 -4.02 11.27 -3.18
N GLY B 246 -5.34 10.95 -3.18
CA GLY B 246 -6.33 11.73 -3.89
C GLY B 246 -6.74 12.91 -3.02
N PRO B 247 -7.99 13.40 -3.15
CA PRO B 247 -8.37 14.64 -2.45
C PRO B 247 -8.61 14.40 -0.96
N TYR B 248 -7.91 15.19 -0.13
CA TYR B 248 -8.09 15.17 1.33
C TYR B 248 -8.37 16.57 1.85
N TRP B 249 -9.10 16.64 2.96
CA TRP B 249 -9.57 17.89 3.54
C TRP B 249 -8.44 18.44 4.41
N THR B 250 -7.65 19.37 3.84
CA THR B 250 -6.47 19.94 4.51
C THR B 250 -6.33 21.42 4.15
N PRO B 251 -5.51 22.17 4.88
CA PRO B 251 -5.41 23.62 4.60
C PRO B 251 -4.75 23.92 3.26
N LEU B 252 -4.09 22.95 2.64
CA LEU B 252 -3.46 23.18 1.35
C LEU B 252 -4.47 23.59 0.30
N GLN B 253 -5.71 23.08 0.39
CA GLN B 253 -6.64 23.36 -0.68
CA GLN B 253 -6.70 23.37 -0.66
C GLN B 253 -7.26 24.77 -0.53
N SER B 254 -7.75 25.11 0.67
CA SER B 254 -8.41 26.39 0.86
C SER B 254 -7.47 27.56 1.00
N SER B 255 -6.15 27.34 0.97
CA SER B 255 -5.19 28.43 1.00
C SER B 255 -4.56 28.66 -0.37
N GLY B 256 -5.23 28.24 -1.43
CA GLY B 256 -4.85 28.61 -2.78
C GLY B 256 -4.44 27.42 -3.62
N GLY B 257 -4.40 26.23 -3.04
CA GLY B 257 -4.08 25.05 -3.83
C GLY B 257 -5.17 24.69 -4.81
N GLN B 258 -6.43 24.98 -4.49
CA GLN B 258 -7.57 24.83 -5.38
C GLN B 258 -8.38 26.11 -5.38
N PRO B 259 -9.11 26.39 -6.46
CA PRO B 259 -10.00 27.56 -6.49
C PRO B 259 -11.16 27.40 -5.53
N PRO B 260 -11.84 28.51 -5.19
CA PRO B 260 -12.81 28.46 -4.08
C PRO B 260 -14.04 27.62 -4.37
N GLU B 261 -14.57 27.68 -5.59
CA GLU B 261 -15.72 26.84 -5.94
C GLU B 261 -15.37 25.37 -5.79
N THR B 262 -14.12 25.01 -6.06
CA THR B 262 -13.68 23.63 -5.92
C THR B 262 -13.70 23.20 -4.45
N VAL B 263 -13.35 24.12 -3.55
CA VAL B 263 -13.39 23.80 -2.13
C VAL B 263 -14.83 23.56 -1.65
N VAL B 264 -15.77 24.40 -2.09
CA VAL B 264 -17.17 24.25 -1.68
C VAL B 264 -17.72 22.88 -2.07
N ASN B 265 -17.38 22.41 -3.28
CA ASN B 265 -17.92 21.16 -3.83
C ASN B 265 -16.85 20.06 -3.88
N TYR B 266 -15.90 20.11 -2.96
CA TYR B 266 -14.69 19.31 -3.05
C TYR B 266 -14.99 17.81 -3.10
N ALA B 267 -14.52 17.15 -4.16
CA ALA B 267 -14.66 15.71 -4.37
C ALA B 267 -16.13 15.25 -4.46
N ALA B 268 -17.06 16.18 -4.73
CA ALA B 268 -18.47 15.80 -4.78
C ALA B 268 -18.74 14.75 -5.85
N GLY B 269 -17.98 14.75 -6.94
CA GLY B 269 -18.22 13.80 -8.00
C GLY B 269 -17.49 12.48 -7.90
N SER B 270 -16.77 12.23 -6.81
CA SER B 270 -15.98 11.00 -6.63
C SER B 270 -16.90 9.85 -6.22
N PRO B 271 -16.40 8.59 -6.24
CA PRO B 271 -17.31 7.47 -5.95
C PRO B 271 -18.00 7.52 -4.59
N TYR B 272 -17.33 7.98 -3.54
CA TYR B 272 -18.03 8.16 -2.27
C TYR B 272 -18.78 9.49 -2.20
N GLY B 273 -18.49 10.43 -3.09
CA GLY B 273 -19.08 11.75 -3.01
C GLY B 273 -18.51 12.62 -1.91
N ARG B 274 -17.29 12.34 -1.44
CA ARG B 274 -16.71 13.14 -0.36
C ARG B 274 -15.20 13.08 -0.50
N PRO B 275 -14.48 14.09 0.00
CA PRO B 275 -13.02 13.99 0.08
C PRO B 275 -12.62 13.10 1.24
N GLY B 276 -11.37 12.68 1.22
CA GLY B 276 -10.83 11.95 2.36
C GLY B 276 -10.57 12.88 3.55
N GLN B 277 -10.61 12.30 4.74
CA GLN B 277 -10.03 12.98 5.90
C GLN B 277 -8.65 12.42 6.18
N PRO B 278 -7.71 13.25 6.65
CA PRO B 278 -6.33 12.77 6.85
C PRO B 278 -6.21 11.50 7.68
N ALA B 279 -7.10 11.31 8.67
CA ALA B 279 -7.09 10.08 9.47
C ALA B 279 -7.03 8.84 8.58
N GLU B 280 -7.71 8.87 7.43
CA GLU B 280 -7.87 7.67 6.61
C GLU B 280 -6.59 7.22 5.92
N ILE B 281 -5.61 8.11 5.73
CA ILE B 281 -4.40 7.75 5.01
C ILE B 281 -3.25 7.39 5.95
N ALA B 282 -3.35 7.71 7.24
CA ALA B 282 -2.29 7.35 8.17
C ALA B 282 -1.91 5.87 8.11
N PRO B 283 -2.85 4.92 7.95
CA PRO B 283 -2.45 3.50 7.87
C PRO B 283 -1.43 3.19 6.79
N LEU B 284 -1.42 3.94 5.66
CA LEU B 284 -0.42 3.65 4.63
C LEU B 284 0.98 3.95 5.12
N TYR B 285 1.12 5.07 5.86
CA TYR B 285 2.43 5.46 6.38
C TYR B 285 2.93 4.46 7.41
N VAL B 286 2.03 4.00 8.30
CA VAL B 286 2.43 2.99 9.29
C VAL B 286 2.85 1.70 8.60
N ALA B 287 2.05 1.23 7.63
CA ALA B 287 2.39 -0.02 6.96
C ALA B 287 3.72 0.07 6.22
N LEU B 288 3.96 1.19 5.53
CA LEU B 288 5.21 1.30 4.78
C LEU B 288 6.41 1.37 5.71
N ALA B 289 6.27 1.99 6.89
CA ALA B 289 7.40 2.09 7.81
C ALA B 289 7.67 0.80 8.57
N ALA B 290 6.65 -0.02 8.81
CA ALA B 290 6.82 -1.19 9.68
C ALA B 290 7.89 -2.14 9.16
N SER B 291 8.66 -2.73 10.09
CA SER B 291 9.75 -3.62 9.70
CA SER B 291 9.75 -3.62 9.70
C SER B 291 9.25 -4.87 8.97
N GLU B 292 8.02 -5.31 9.24
CA GLU B 292 7.49 -6.52 8.59
C GLU B 292 7.18 -6.33 7.11
N THR B 293 7.09 -5.09 6.63
CA THR B 293 6.72 -4.82 5.23
C THR B 293 7.98 -4.75 4.37
N SER B 294 8.77 -5.83 4.44
CA SER B 294 10.18 -5.78 4.13
C SER B 294 10.50 -5.90 2.65
N TYR B 295 9.52 -6.21 1.79
CA TYR B 295 9.72 -6.27 0.34
C TYR B 295 8.98 -5.16 -0.39
N ALA B 296 8.51 -4.14 0.33
CA ALA B 296 7.94 -2.94 -0.29
C ALA B 296 9.06 -1.91 -0.39
N ASN B 297 9.55 -1.68 -1.61
CA ASN B 297 10.65 -0.75 -1.83
C ASN B 297 10.53 -0.20 -3.24
N GLY B 298 10.55 1.13 -3.35
CA GLY B 298 10.32 1.78 -4.63
C GLY B 298 8.86 1.86 -5.06
N GLN B 299 7.92 1.65 -4.14
CA GLN B 299 6.51 1.60 -4.50
C GLN B 299 5.86 2.97 -4.37
N VAL B 300 4.75 3.15 -5.08
CA VAL B 300 3.86 4.30 -4.91
C VAL B 300 2.49 3.72 -4.55
N TRP B 301 2.06 3.92 -3.29
CA TRP B 301 0.77 3.40 -2.84
C TRP B 301 -0.25 4.53 -2.84
N GLY B 302 -1.33 4.37 -3.62
CA GLY B 302 -2.37 5.38 -3.67
C GLY B 302 -3.46 5.21 -2.61
N ALA B 303 -4.11 6.32 -2.28
CA ALA B 303 -5.33 6.26 -1.47
C ALA B 303 -6.18 7.44 -1.94
N ASP B 304 -6.97 7.20 -3.00
CA ASP B 304 -7.67 8.26 -3.71
C ASP B 304 -9.17 8.08 -3.74
N GLY B 305 -9.71 7.15 -2.94
CA GLY B 305 -11.15 7.04 -2.77
C GLY B 305 -11.88 6.57 -4.00
N GLY B 306 -11.23 5.83 -4.88
CA GLY B 306 -11.89 5.27 -6.05
C GLY B 306 -11.57 5.93 -7.36
N LEU B 307 -10.78 7.00 -7.38
CA LEU B 307 -10.29 7.53 -8.66
C LEU B 307 -9.44 6.50 -9.39
N GLY B 308 -8.74 5.64 -8.65
CA GLY B 308 -7.97 4.59 -9.29
C GLY B 308 -6.79 5.09 -10.09
N ILE B 309 -5.92 5.89 -9.48
CA ILE B 309 -4.78 6.49 -10.16
CA ILE B 309 -4.79 6.44 -10.18
C ILE B 309 -3.51 5.67 -9.89
N PHE B 310 -3.17 5.50 -8.62
CA PHE B 310 -2.06 4.64 -8.23
C PHE B 310 -2.61 3.45 -7.46
PA NAD C . 1.13 -20.41 -5.61
O1A NAD C . 1.48 -20.67 -4.19
O2A NAD C . 1.37 -21.52 -6.60
O5B NAD C . -0.42 -19.99 -5.68
C5B NAD C . -1.21 -20.06 -6.87
C4B NAD C . -2.42 -20.85 -6.47
O4B NAD C . -3.36 -20.82 -7.55
C3B NAD C . -2.19 -22.33 -6.21
O3B NAD C . -1.81 -22.61 -4.86
C2B NAD C . -3.54 -22.98 -6.58
O2B NAD C . -4.33 -23.34 -5.45
C1B NAD C . -4.30 -21.85 -7.29
N9A NAD C . -4.91 -22.25 -8.55
C8A NAD C . -4.30 -22.34 -9.78
N7A NAD C . -5.09 -22.75 -10.74
C5A NAD C . -6.31 -22.95 -10.11
C6A NAD C . -7.55 -23.43 -10.56
N6A NAD C . -7.80 -23.77 -11.83
N1A NAD C . -8.56 -23.55 -9.65
C2A NAD C . -8.31 -23.20 -8.38
N3A NAD C . -7.19 -22.74 -7.83
C4A NAD C . -6.21 -22.64 -8.75
O3 NAD C . 1.90 -19.15 -6.17
PN NAD C . 1.82 -17.58 -5.84
O1N NAD C . 1.62 -17.39 -4.38
O2N NAD C . 3.04 -17.00 -6.46
O5D NAD C . 0.52 -17.15 -6.65
C5D NAD C . -0.44 -16.26 -6.03
C4D NAD C . -0.63 -15.00 -6.86
O4D NAD C . 0.61 -14.27 -6.89
C3D NAD C . -1.05 -15.24 -8.32
O3D NAD C . -2.18 -14.45 -8.66
C2D NAD C . 0.18 -14.77 -9.11
O2D NAD C . -0.20 -14.25 -10.38
C1D NAD C . 0.73 -13.71 -8.18
N1N NAD C . 2.17 -13.32 -8.40
C2N NAD C . 3.16 -14.16 -8.01
C3N NAD C . 4.49 -13.82 -8.22
C7N NAD C . 5.66 -14.63 -7.76
O7N NAD C . 6.79 -14.33 -8.14
N7N NAD C . 5.44 -15.68 -6.96
C4N NAD C . 4.77 -12.58 -8.80
C5N NAD C . 3.74 -11.73 -9.17
C6N NAD C . 2.44 -12.12 -8.98
MG MG D . -0.57 -24.27 -4.22
PA NAD E . -1.15 20.70 4.73
O1A NAD E . -1.80 20.27 6.00
O2A NAD E . -1.26 22.16 4.39
O5B NAD E . 0.40 20.27 4.77
C5B NAD E . 1.41 20.87 3.94
C4B NAD E . 2.48 21.30 4.90
O4B NAD E . 3.61 21.74 4.16
C3B NAD E . 2.13 22.49 5.80
O3B NAD E . 1.46 22.09 7.00
C2B NAD E . 3.49 23.15 6.06
O2B NAD E . 4.00 22.89 7.37
C1B NAD E . 4.43 22.48 5.04
N9A NAD E . 5.23 23.41 4.28
C8A NAD E . 4.86 24.12 3.16
N7A NAD E . 5.79 24.91 2.69
C5A NAD E . 6.86 24.71 3.56
C6A NAD E . 8.14 25.29 3.62
N6A NAD E . 8.61 26.18 2.74
N1A NAD E . 8.94 24.91 4.65
C2A NAD E . 8.49 23.99 5.52
N3A NAD E . 7.31 23.38 5.54
C4A NAD E . 6.53 23.79 4.53
O3 NAD E . -1.75 19.90 3.49
PN NAD E . -1.66 18.36 3.06
O1N NAD E . -1.73 17.49 4.27
O2N NAD E . -2.69 18.22 2.02
O5D NAD E . -0.21 18.30 2.39
C5D NAD E . 0.67 17.18 2.69
C4D NAD E . 1.10 16.47 1.42
O4D NAD E . -0.06 15.89 0.78
C3D NAD E . 1.78 17.36 0.37
O3D NAD E . 3.01 16.78 -0.09
C2D NAD E . 0.77 17.40 -0.78
O2D NAD E . 1.40 17.53 -2.05
C1D NAD E . 0.10 16.04 -0.60
N1N NAD E . -1.27 15.87 -1.26
C2N NAD E . -2.35 16.45 -0.71
C3N NAD E . -3.59 16.29 -1.31
C7N NAD E . -4.86 16.83 -0.73
O7N NAD E . -5.90 16.79 -1.41
N7N NAD E . -4.84 17.35 0.50
C4N NAD E . -3.68 15.51 -2.47
C5N NAD E . -2.55 14.91 -2.99
C6N NAD E . -1.34 15.11 -2.37
MG MG F . 0.03 23.28 8.13
#